data_1N7I
#
_entry.id   1N7I
#
_cell.length_a   94.350
_cell.length_b   94.350
_cell.length_c   186.550
_cell.angle_alpha   90.00
_cell.angle_beta   90.00
_cell.angle_gamma   90.00
#
_symmetry.space_group_name_H-M   'P 43 21 2'
#
loop_
_entity.id
_entity.type
_entity.pdbx_description
1 polymer 'Phenylethanolamine N-methyltransferase'
2 non-polymer S-ADENOSYL-L-HOMOCYSTEINE
3 non-polymer 8,9-DICHLORO-2,3,4,5-TETRAHYDRO-1H-BENZO[C]AZEPINE
4 water water
#
_entity_poly.entity_id   1
_entity_poly.type   'polypeptide(L)'
_entity_poly.pdbx_seq_one_letter_code
;MSGADRSPNAGAAPDSAPGQAAVASAYQRFEPRAYLRNNYAPPRGDLCNPNGVGPWKLRCLAQTFATGEVSGRTLIDIGS
GPTVYQLLSACSHFEDITMTDFLEVNRQELGRWLQEEPGAFNWSMYSQHACLIEGKGECWQDKERQLRARVKRVLPIDVH
QPQPLGAGSPAPLPADALVSAFCLEAVSPDLASFQRALDHITTLLRPGGHLLLIGALEESWYLAGEARLTVVPVSEEEVR
EALVRSGYKVRDLRTYIMPAHLQTGVDDVKGVFFAWAQKVGL
;
_entity_poly.pdbx_strand_id   A,B
#
loop_
_chem_comp.id
_chem_comp.type
_chem_comp.name
_chem_comp.formula
LY1 non-polymer 8,9-DICHLORO-2,3,4,5-TETRAHYDRO-1H-BENZO[C]AZEPINE 'C10 H11 Cl2 N'
#
# COMPACT_ATOMS: atom_id res chain seq x y z
N ALA A 22 -4.01 28.51 7.97
CA ALA A 22 -5.26 29.32 7.76
C ALA A 22 -5.89 29.04 6.40
N VAL A 23 -5.94 27.76 6.02
CA VAL A 23 -6.53 27.33 4.74
C VAL A 23 -7.99 27.81 4.64
N ALA A 24 -8.64 27.90 5.81
CA ALA A 24 -10.05 28.32 5.93
C ALA A 24 -10.50 29.37 4.90
N SER A 25 -9.64 30.33 4.61
CA SER A 25 -9.95 31.40 3.66
C SER A 25 -10.10 30.89 2.22
N ALA A 26 -9.41 29.79 1.90
CA ALA A 26 -9.46 29.20 0.57
C ALA A 26 -10.73 28.40 0.34
N TYR A 27 -11.23 27.77 1.39
CA TYR A 27 -12.44 26.96 1.25
C TYR A 27 -13.69 27.81 1.05
N GLN A 28 -13.62 29.08 1.43
CA GLN A 28 -14.77 29.94 1.29
C GLN A 28 -15.26 30.03 -0.15
N ARG A 29 -14.39 29.75 -1.11
CA ARG A 29 -14.78 29.80 -2.52
C ARG A 29 -15.19 28.41 -3.01
N PHE A 30 -15.05 27.42 -2.14
CA PHE A 30 -15.36 26.02 -2.42
C PHE A 30 -16.75 25.72 -2.97
N GLU A 31 -16.80 25.32 -4.24
CA GLU A 31 -18.05 24.99 -4.92
C GLU A 31 -18.34 23.47 -4.90
N PRO A 32 -19.33 23.03 -4.10
CA PRO A 32 -19.69 21.61 -4.00
C PRO A 32 -20.04 20.94 -5.33
N ARG A 33 -20.76 21.64 -6.20
CA ARG A 33 -21.17 21.06 -7.47
C ARG A 33 -19.96 20.78 -8.34
N ALA A 34 -18.98 21.66 -8.30
CA ALA A 34 -17.77 21.46 -9.11
C ALA A 34 -16.88 20.40 -8.45
N TYR A 35 -16.88 20.36 -7.12
CA TYR A 35 -16.09 19.38 -6.42
C TYR A 35 -16.59 18.00 -6.82
N LEU A 36 -17.85 17.71 -6.52
CA LEU A 36 -18.45 16.43 -6.85
C LEU A 36 -18.09 16.02 -8.28
N ARG A 37 -18.25 16.95 -9.23
CA ARG A 37 -17.98 16.72 -10.64
C ARG A 37 -16.56 16.33 -10.97
N ASN A 38 -15.62 16.84 -10.19
CA ASN A 38 -14.21 16.56 -10.41
C ASN A 38 -13.76 15.25 -9.80
N ASN A 39 -14.57 14.66 -8.94
CA ASN A 39 -14.18 13.43 -8.26
C ASN A 39 -15.21 12.31 -8.23
N TYR A 40 -16.46 12.60 -8.51
CA TYR A 40 -17.49 11.57 -8.45
C TYR A 40 -18.33 11.45 -9.69
N ALA A 41 -17.77 11.87 -10.82
CA ALA A 41 -18.43 11.77 -12.11
C ALA A 41 -17.43 11.09 -13.02
N PRO A 42 -17.88 10.53 -14.15
CA PRO A 42 -16.90 9.88 -15.03
C PRO A 42 -15.72 10.81 -15.31
N PRO A 43 -14.49 10.26 -15.35
CA PRO A 43 -14.15 8.84 -15.16
C PRO A 43 -14.10 8.25 -13.74
N ARG A 44 -13.79 9.07 -12.75
CA ARG A 44 -13.68 8.58 -11.38
C ARG A 44 -14.99 8.06 -10.83
N GLY A 45 -16.09 8.63 -11.32
CA GLY A 45 -17.41 8.26 -10.84
C GLY A 45 -18.15 7.28 -11.71
N ASP A 46 -17.39 6.54 -12.52
CA ASP A 46 -17.96 5.52 -13.40
C ASP A 46 -17.54 4.23 -12.71
N LEU A 47 -18.45 3.68 -11.93
CA LEU A 47 -18.16 2.46 -11.18
C LEU A 47 -18.21 1.18 -11.99
N CYS A 48 -18.37 1.31 -13.30
CA CYS A 48 -18.41 0.15 -14.18
C CYS A 48 -17.09 -0.58 -14.23
N ASN A 49 -15.98 0.13 -14.38
CA ASN A 49 -14.69 -0.54 -14.39
C ASN A 49 -14.21 -0.74 -12.95
N PRO A 50 -14.03 -2.01 -12.56
CA PRO A 50 -13.60 -2.46 -11.23
C PRO A 50 -12.22 -1.99 -10.78
N ASN A 51 -11.40 -1.54 -11.71
CA ASN A 51 -10.07 -1.08 -11.34
C ASN A 51 -10.10 0.42 -11.17
N GLY A 52 -11.22 0.93 -10.65
CA GLY A 52 -11.35 2.36 -10.45
C GLY A 52 -11.30 2.75 -8.98
N VAL A 53 -11.20 4.04 -8.72
CA VAL A 53 -11.13 4.54 -7.36
C VAL A 53 -12.43 4.23 -6.65
N GLY A 54 -13.54 4.42 -7.36
CA GLY A 54 -14.84 4.18 -6.79
C GLY A 54 -14.98 2.78 -6.22
N PRO A 55 -14.88 1.76 -7.07
CA PRO A 55 -14.98 0.35 -6.68
C PRO A 55 -14.02 0.03 -5.53
N TRP A 56 -12.81 0.57 -5.61
CA TRP A 56 -11.81 0.33 -4.58
C TRP A 56 -12.26 0.87 -3.22
N LYS A 57 -12.52 2.17 -3.13
CA LYS A 57 -12.93 2.73 -1.86
C LYS A 57 -14.16 2.01 -1.34
N LEU A 58 -15.16 1.79 -2.19
CA LEU A 58 -16.36 1.12 -1.74
C LEU A 58 -16.03 -0.27 -1.22
N ARG A 59 -15.17 -0.97 -1.93
CA ARG A 59 -14.80 -2.33 -1.54
C ARG A 59 -14.06 -2.39 -0.19
N CYS A 60 -13.24 -1.39 0.11
CA CYS A 60 -12.49 -1.34 1.37
C CYS A 60 -13.47 -1.19 2.52
N LEU A 61 -14.39 -0.24 2.34
CA LEU A 61 -15.40 0.04 3.33
C LEU A 61 -16.23 -1.21 3.59
N ALA A 62 -16.71 -1.81 2.51
CA ALA A 62 -17.52 -3.02 2.58
C ALA A 62 -16.81 -4.11 3.35
N GLN A 63 -15.65 -4.54 2.84
CA GLN A 63 -14.87 -5.59 3.47
C GLN A 63 -14.63 -5.34 4.95
N THR A 64 -14.36 -4.11 5.32
CA THR A 64 -14.11 -3.81 6.71
C THR A 64 -15.31 -4.08 7.60
N PHE A 65 -16.43 -3.40 7.33
CA PHE A 65 -17.63 -3.61 8.13
C PHE A 65 -18.10 -5.05 8.09
N ALA A 66 -17.84 -5.72 6.97
CA ALA A 66 -18.24 -7.11 6.79
C ALA A 66 -17.58 -8.02 7.80
N THR A 67 -16.42 -7.61 8.32
CA THR A 67 -15.72 -8.43 9.31
C THR A 67 -16.55 -8.45 10.59
N GLY A 68 -17.43 -7.46 10.72
CA GLY A 68 -18.26 -7.38 11.90
C GLY A 68 -17.41 -7.27 13.15
N GLU A 69 -16.61 -6.20 13.22
CA GLU A 69 -15.76 -5.93 14.36
C GLU A 69 -15.88 -4.45 14.63
N VAL A 70 -16.48 -3.78 13.66
CA VAL A 70 -16.73 -2.36 13.73
C VAL A 70 -18.24 -2.30 13.93
N SER A 71 -18.65 -2.14 15.18
CA SER A 71 -20.07 -2.13 15.52
C SER A 71 -20.40 -1.28 16.73
N GLY A 72 -21.59 -0.68 16.71
CA GLY A 72 -22.02 0.14 17.82
C GLY A 72 -23.36 0.84 17.61
N ARG A 73 -23.55 1.94 18.34
CA ARG A 73 -24.79 2.71 18.25
C ARG A 73 -24.56 4.03 17.52
N THR A 74 -23.61 4.80 18.03
CA THR A 74 -23.29 6.09 17.44
C THR A 74 -22.05 6.03 16.53
N LEU A 75 -22.10 6.81 15.44
CA LEU A 75 -21.01 6.90 14.48
C LEU A 75 -20.95 8.34 13.99
N ILE A 76 -19.73 8.85 13.82
CA ILE A 76 -19.57 10.22 13.34
C ILE A 76 -18.66 10.29 12.10
N ASP A 77 -19.08 11.05 11.10
CA ASP A 77 -18.33 11.21 9.87
C ASP A 77 -17.76 12.63 9.82
N ILE A 78 -16.45 12.73 9.99
CA ILE A 78 -15.76 14.01 9.98
C ILE A 78 -15.44 14.49 8.56
N GLY A 79 -15.79 15.75 8.28
CA GLY A 79 -15.52 16.34 6.98
C GLY A 79 -16.29 15.66 5.86
N SER A 80 -17.59 15.51 6.06
CA SER A 80 -18.45 14.86 5.08
C SER A 80 -18.39 15.47 3.71
N GLY A 81 -18.41 16.79 3.66
CA GLY A 81 -18.41 17.47 2.38
C GLY A 81 -19.76 17.16 1.77
N PRO A 82 -19.92 17.35 0.46
CA PRO A 82 -21.23 17.04 -0.13
C PRO A 82 -21.34 15.60 -0.64
N THR A 83 -20.77 14.63 0.07
CA THR A 83 -20.81 13.24 -0.37
C THR A 83 -21.35 12.26 0.66
N VAL A 84 -21.88 11.12 0.20
CA VAL A 84 -22.45 10.10 1.08
C VAL A 84 -21.81 8.71 1.01
N TYR A 85 -21.18 8.41 -0.12
CA TYR A 85 -20.54 7.11 -0.39
C TYR A 85 -19.76 6.51 0.78
N GLN A 86 -19.24 7.36 1.66
CA GLN A 86 -18.48 6.89 2.80
C GLN A 86 -19.33 6.20 3.84
N LEU A 87 -20.66 6.29 3.73
CA LEU A 87 -21.49 5.67 4.74
C LEU A 87 -22.46 4.59 4.27
N LEU A 88 -22.48 4.34 2.96
CA LEU A 88 -23.35 3.34 2.36
C LEU A 88 -23.24 1.98 3.04
N SER A 89 -22.03 1.54 3.35
CA SER A 89 -21.87 0.24 4.01
C SER A 89 -21.90 0.45 5.51
N ALA A 90 -21.46 1.63 5.93
CA ALA A 90 -21.43 1.93 7.33
C ALA A 90 -22.81 1.93 7.97
N CYS A 91 -23.76 2.63 7.35
CA CYS A 91 -25.11 2.74 7.92
C CYS A 91 -25.70 1.45 8.45
N SER A 92 -25.38 0.35 7.82
CA SER A 92 -25.87 -0.95 8.24
C SER A 92 -25.55 -1.29 9.70
N HIS A 93 -24.39 -0.83 10.20
CA HIS A 93 -23.99 -1.18 11.57
C HIS A 93 -24.16 -0.15 12.69
N PHE A 94 -24.72 1.01 12.38
CA PHE A 94 -24.93 2.05 13.39
C PHE A 94 -26.26 2.79 13.17
N GLU A 95 -27.12 2.74 14.18
CA GLU A 95 -28.44 3.39 14.14
C GLU A 95 -28.42 4.92 14.25
N ASP A 96 -27.41 5.46 14.91
CA ASP A 96 -27.29 6.91 15.08
C ASP A 96 -26.07 7.45 14.33
N ILE A 97 -26.32 8.18 13.24
CA ILE A 97 -25.22 8.72 12.44
C ILE A 97 -25.19 10.24 12.37
N THR A 98 -23.99 10.79 12.49
CA THR A 98 -23.76 12.24 12.45
C THR A 98 -22.85 12.67 11.29
N MET A 99 -23.41 13.44 10.37
CA MET A 99 -22.66 13.95 9.23
C MET A 99 -22.09 15.29 9.68
N THR A 100 -20.94 15.69 9.15
CA THR A 100 -20.34 16.97 9.54
C THR A 100 -19.55 17.60 8.41
N ASP A 101 -19.19 18.87 8.60
CA ASP A 101 -18.39 19.62 7.64
C ASP A 101 -18.32 21.09 7.98
N PHE A 102 -17.22 21.71 7.57
CA PHE A 102 -16.94 23.12 7.81
C PHE A 102 -17.91 24.03 7.06
N LEU A 103 -17.89 23.96 5.74
CA LEU A 103 -18.74 24.79 4.88
C LEU A 103 -20.22 24.45 4.93
N GLU A 104 -21.02 25.49 5.13
CA GLU A 104 -22.46 25.31 5.19
C GLU A 104 -22.96 24.93 3.80
N VAL A 105 -22.31 25.44 2.76
CA VAL A 105 -22.73 25.10 1.41
C VAL A 105 -22.77 23.59 1.25
N ASN A 106 -21.83 22.89 1.87
CA ASN A 106 -21.81 21.43 1.78
C ASN A 106 -22.95 20.89 2.62
N ARG A 107 -23.00 21.30 3.89
CA ARG A 107 -24.03 20.88 4.82
C ARG A 107 -25.37 21.00 4.11
N GLN A 108 -25.52 22.08 3.35
CA GLN A 108 -26.74 22.33 2.60
C GLN A 108 -26.87 21.28 1.50
N GLU A 109 -25.77 21.03 0.80
CA GLU A 109 -25.77 20.05 -0.29
C GLU A 109 -26.12 18.67 0.24
N LEU A 110 -25.65 18.34 1.45
CA LEU A 110 -25.97 17.05 2.05
C LEU A 110 -27.47 16.97 2.24
N GLY A 111 -28.02 18.04 2.82
CA GLY A 111 -29.46 18.10 3.06
C GLY A 111 -30.28 17.80 1.83
N ARG A 112 -30.02 18.49 0.71
CA ARG A 112 -30.77 18.24 -0.52
C ARG A 112 -30.87 16.76 -0.82
N TRP A 113 -29.85 15.99 -0.44
CA TRP A 113 -29.88 14.56 -0.69
C TRP A 113 -30.62 13.84 0.43
N LEU A 114 -30.38 14.25 1.68
CA LEU A 114 -31.08 13.62 2.79
C LEU A 114 -32.59 13.78 2.64
N GLN A 115 -33.01 15.01 2.34
CA GLN A 115 -34.42 15.34 2.21
C GLN A 115 -35.00 15.17 0.80
N GLU A 116 -34.30 14.45 -0.05
CA GLU A 116 -34.77 14.20 -1.42
C GLU A 116 -35.28 15.47 -2.10
N GLU A 117 -34.61 16.58 -1.80
CA GLU A 117 -34.95 17.89 -2.34
C GLU A 117 -34.54 18.06 -3.79
N PRO A 118 -34.90 19.22 -4.39
CA PRO A 118 -34.57 19.52 -5.78
C PRO A 118 -33.09 19.53 -6.13
N GLY A 119 -32.80 18.94 -7.29
CA GLY A 119 -31.43 18.88 -7.80
C GLY A 119 -30.37 18.28 -6.90
N ALA A 120 -30.74 17.32 -6.05
CA ALA A 120 -29.76 16.70 -5.19
C ALA A 120 -28.78 15.95 -6.09
N PHE A 121 -27.65 15.55 -5.54
CA PHE A 121 -26.66 14.80 -6.31
C PHE A 121 -27.05 13.32 -6.41
N ASN A 122 -26.97 12.76 -7.60
CA ASN A 122 -27.34 11.37 -7.79
C ASN A 122 -26.28 10.36 -7.37
N TRP A 123 -26.55 9.63 -6.29
CA TRP A 123 -25.62 8.63 -5.79
C TRP A 123 -25.93 7.20 -6.15
N SER A 124 -26.91 7.03 -7.03
CA SER A 124 -27.32 5.70 -7.50
C SER A 124 -26.14 4.80 -7.79
N MET A 125 -25.37 5.13 -8.83
CA MET A 125 -24.21 4.34 -9.23
C MET A 125 -23.44 3.83 -8.02
N TYR A 126 -23.25 4.70 -7.03
CA TYR A 126 -22.54 4.32 -5.81
C TYR A 126 -23.33 3.38 -4.92
N SER A 127 -24.59 3.72 -4.67
CA SER A 127 -25.46 2.88 -3.83
C SER A 127 -25.55 1.46 -4.40
N GLN A 128 -25.77 1.37 -5.71
CA GLN A 128 -25.89 0.09 -6.39
C GLN A 128 -24.62 -0.73 -6.28
N HIS A 129 -23.48 -0.10 -6.58
CA HIS A 129 -22.22 -0.81 -6.50
C HIS A 129 -21.95 -1.24 -5.05
N ALA A 130 -22.48 -0.48 -4.10
CA ALA A 130 -22.31 -0.82 -2.69
C ALA A 130 -23.08 -2.07 -2.38
N CYS A 131 -24.29 -2.15 -2.93
CA CYS A 131 -25.15 -3.31 -2.71
C CYS A 131 -24.57 -4.49 -3.44
N LEU A 132 -24.05 -4.24 -4.64
CA LEU A 132 -23.43 -5.28 -5.44
C LEU A 132 -22.32 -5.95 -4.61
N ILE A 133 -21.38 -5.14 -4.14
CA ILE A 133 -20.25 -5.62 -3.34
C ILE A 133 -20.62 -6.23 -2.00
N GLU A 134 -21.54 -5.59 -1.28
CA GLU A 134 -21.94 -6.14 0.00
C GLU A 134 -22.58 -7.50 -0.21
N GLY A 135 -23.01 -7.77 -1.44
CA GLY A 135 -23.62 -9.04 -1.77
C GLY A 135 -24.67 -9.57 -0.81
N LYS A 136 -25.44 -8.68 -0.18
CA LYS A 136 -26.47 -9.13 0.76
C LYS A 136 -27.79 -9.22 0.00
N GLY A 137 -27.73 -8.95 -1.30
CA GLY A 137 -28.93 -9.03 -2.13
C GLY A 137 -29.89 -7.87 -2.02
N GLU A 138 -29.54 -6.89 -1.19
CA GLU A 138 -30.39 -5.71 -0.98
C GLU A 138 -30.37 -4.80 -2.21
N CYS A 139 -31.44 -4.05 -2.42
CA CYS A 139 -31.49 -3.14 -3.57
C CYS A 139 -31.01 -1.79 -3.04
N TRP A 140 -30.59 -0.90 -3.94
CA TRP A 140 -30.06 0.39 -3.51
C TRP A 140 -31.02 1.35 -2.82
N GLN A 141 -32.30 1.30 -3.20
CA GLN A 141 -33.29 2.18 -2.60
C GLN A 141 -33.40 1.86 -1.11
N ASP A 142 -33.40 0.57 -0.80
CA ASP A 142 -33.49 0.14 0.58
C ASP A 142 -32.31 0.71 1.36
N LYS A 143 -31.11 0.54 0.81
CA LYS A 143 -29.89 1.04 1.43
C LYS A 143 -29.90 2.57 1.53
N GLU A 144 -30.27 3.24 0.44
CA GLU A 144 -30.33 4.70 0.47
C GLU A 144 -31.34 5.17 1.53
N ARG A 145 -32.41 4.40 1.73
CA ARG A 145 -33.43 4.73 2.73
C ARG A 145 -32.90 4.49 4.14
N GLN A 146 -32.08 3.46 4.30
CA GLN A 146 -31.52 3.15 5.61
C GLN A 146 -30.52 4.21 6.02
N LEU A 147 -29.87 4.78 5.02
CA LEU A 147 -28.88 5.84 5.27
C LEU A 147 -29.61 7.10 5.67
N ARG A 148 -30.51 7.57 4.81
CA ARG A 148 -31.26 8.78 5.11
C ARG A 148 -31.88 8.65 6.51
N ALA A 149 -32.33 7.45 6.84
CA ALA A 149 -32.95 7.20 8.13
C ALA A 149 -31.98 7.29 9.31
N ARG A 150 -30.85 6.59 9.24
CA ARG A 150 -29.90 6.61 10.34
C ARG A 150 -29.05 7.89 10.45
N VAL A 151 -29.20 8.80 9.50
CA VAL A 151 -28.47 10.06 9.54
C VAL A 151 -29.38 11.03 10.28
N LYS A 152 -28.95 11.40 11.48
CA LYS A 152 -29.71 12.31 12.34
C LYS A 152 -29.46 13.80 12.09
N ARG A 153 -28.20 14.22 12.11
CA ARG A 153 -27.88 15.63 11.85
C ARG A 153 -26.59 15.87 11.07
N VAL A 154 -26.56 17.00 10.38
CA VAL A 154 -25.40 17.44 9.63
C VAL A 154 -24.83 18.63 10.40
N LEU A 155 -23.93 18.33 11.34
CA LEU A 155 -23.31 19.34 12.21
C LEU A 155 -22.03 20.02 11.71
N PRO A 156 -21.96 21.35 11.84
CA PRO A 156 -20.76 22.06 11.39
C PRO A 156 -19.58 21.59 12.23
N ILE A 157 -18.43 21.47 11.58
CA ILE A 157 -17.24 21.00 12.28
C ILE A 157 -15.94 21.65 11.83
N ASP A 158 -14.97 21.67 12.76
CA ASP A 158 -13.64 22.21 12.49
C ASP A 158 -12.63 21.28 13.16
N VAL A 159 -11.85 20.58 12.35
CA VAL A 159 -10.87 19.63 12.85
C VAL A 159 -9.71 20.28 13.59
N HIS A 160 -9.59 21.59 13.47
CA HIS A 160 -8.51 22.33 14.12
C HIS A 160 -8.77 22.74 15.56
N GLN A 161 -9.96 22.45 16.07
CA GLN A 161 -10.31 22.77 17.46
C GLN A 161 -10.06 21.55 18.33
N PRO A 162 -9.50 21.74 19.53
CA PRO A 162 -9.21 20.63 20.45
C PRO A 162 -10.47 19.84 20.78
N GLN A 163 -11.59 20.56 20.85
CA GLN A 163 -12.89 19.98 21.10
C GLN A 163 -13.58 20.21 19.75
N PRO A 164 -13.20 19.42 18.73
CA PRO A 164 -13.72 19.50 17.36
C PRO A 164 -15.15 20.00 17.28
N LEU A 165 -15.29 21.16 16.66
CA LEU A 165 -16.59 21.82 16.49
C LEU A 165 -17.66 21.34 17.46
N GLY A 166 -17.84 22.10 18.55
CA GLY A 166 -18.83 21.75 19.54
C GLY A 166 -18.33 21.73 20.97
N ALA A 167 -19.11 22.35 21.85
CA ALA A 167 -18.81 22.40 23.28
C ALA A 167 -19.81 21.45 23.93
N GLY A 168 -21.02 21.41 23.37
CA GLY A 168 -22.07 20.54 23.86
C GLY A 168 -22.96 20.17 22.69
N SER A 169 -22.39 19.41 21.76
CA SER A 169 -23.07 19.00 20.54
C SER A 169 -24.20 17.98 20.68
N PRO A 170 -25.20 18.05 19.79
CA PRO A 170 -26.35 17.13 19.78
C PRO A 170 -25.85 15.72 19.45
N ALA A 171 -24.57 15.63 19.11
CA ALA A 171 -23.91 14.38 18.74
C ALA A 171 -23.46 13.56 19.94
N PRO A 172 -23.98 12.31 20.05
CA PRO A 172 -23.66 11.38 21.13
C PRO A 172 -22.17 11.13 21.22
N LEU A 173 -21.58 11.47 22.36
CA LEU A 173 -20.16 11.30 22.58
C LEU A 173 -19.92 10.41 23.82
N PRO A 174 -18.91 9.52 23.75
CA PRO A 174 -18.01 9.31 22.62
C PRO A 174 -18.69 8.46 21.56
N ALA A 175 -18.45 8.80 20.29
CA ALA A 175 -19.03 8.05 19.19
C ALA A 175 -18.39 6.66 19.26
N ASP A 176 -19.11 5.65 18.78
CA ASP A 176 -18.59 4.29 18.80
C ASP A 176 -17.69 4.04 17.61
N ALA A 177 -17.70 4.96 16.65
CA ALA A 177 -16.88 4.85 15.46
C ALA A 177 -16.72 6.16 14.72
N LEU A 178 -15.65 6.23 13.93
CA LEU A 178 -15.34 7.43 13.15
C LEU A 178 -15.03 7.09 11.69
N VAL A 179 -15.37 8.03 10.81
CA VAL A 179 -15.12 7.88 9.37
C VAL A 179 -14.75 9.25 8.80
N SER A 180 -13.62 9.33 8.08
CA SER A 180 -13.22 10.57 7.45
C SER A 180 -12.60 10.25 6.11
N ALA A 181 -13.05 10.96 5.08
CA ALA A 181 -12.57 10.75 3.72
C ALA A 181 -12.05 12.03 3.10
N PHE A 182 -10.79 12.01 2.69
CA PHE A 182 -10.19 13.17 2.06
C PHE A 182 -10.35 14.48 2.85
N CYS A 183 -10.30 14.39 4.18
CA CYS A 183 -10.43 15.59 4.99
C CYS A 183 -9.10 16.13 5.47
N LEU A 184 -8.57 15.50 6.53
CA LEU A 184 -7.32 15.93 7.13
C LEU A 184 -6.28 16.51 6.19
N GLU A 185 -5.72 15.71 5.29
CA GLU A 185 -4.70 16.22 4.39
C GLU A 185 -5.12 17.46 3.63
N ALA A 186 -6.42 17.70 3.48
CA ALA A 186 -6.87 18.86 2.71
C ALA A 186 -7.18 20.13 3.50
N VAL A 187 -7.04 20.07 4.82
CA VAL A 187 -7.31 21.24 5.65
C VAL A 187 -6.09 21.61 6.49
N SER A 188 -5.07 20.78 6.39
CA SER A 188 -3.82 21.00 7.11
C SER A 188 -2.79 21.49 6.12
N PRO A 189 -1.93 22.43 6.53
CA PRO A 189 -0.89 22.95 5.64
C PRO A 189 0.38 22.09 5.69
N ASP A 190 0.56 21.35 6.78
CA ASP A 190 1.72 20.49 6.92
C ASP A 190 1.41 19.24 7.72
N LEU A 191 2.42 18.38 7.83
CA LEU A 191 2.28 17.13 8.55
C LEU A 191 2.02 17.34 10.03
N ALA A 192 2.32 18.54 10.51
CA ALA A 192 2.12 18.87 11.92
C ALA A 192 0.65 19.08 12.21
N SER A 193 0.05 20.10 11.58
CA SER A 193 -1.37 20.38 11.76
C SER A 193 -2.12 19.08 11.56
N PHE A 194 -1.63 18.26 10.63
CA PHE A 194 -2.24 16.97 10.34
C PHE A 194 -2.33 16.14 11.61
N GLN A 195 -1.22 15.99 12.32
CA GLN A 195 -1.21 15.23 13.55
C GLN A 195 -2.16 15.88 14.53
N ARG A 196 -2.01 17.18 14.74
CA ARG A 196 -2.89 17.88 15.67
C ARG A 196 -4.35 17.63 15.30
N ALA A 197 -4.63 17.66 14.00
CA ALA A 197 -5.98 17.42 13.47
C ALA A 197 -6.44 15.99 13.78
N LEU A 198 -5.53 15.02 13.68
CA LEU A 198 -5.88 13.64 13.97
C LEU A 198 -6.18 13.51 15.46
N ASP A 199 -5.31 14.10 16.28
CA ASP A 199 -5.50 14.05 17.71
C ASP A 199 -6.90 14.55 18.03
N HIS A 200 -7.21 15.75 17.53
CA HIS A 200 -8.50 16.40 17.76
C HIS A 200 -9.72 15.47 17.58
N ILE A 201 -9.98 15.03 16.35
CA ILE A 201 -11.11 14.16 16.08
C ILE A 201 -11.03 12.88 16.89
N THR A 202 -9.81 12.43 17.17
CA THR A 202 -9.60 11.21 17.93
C THR A 202 -10.23 11.30 19.32
N THR A 203 -10.41 12.52 19.81
CA THR A 203 -11.00 12.73 21.14
C THR A 203 -12.47 12.33 21.19
N LEU A 204 -13.13 12.32 20.03
CA LEU A 204 -14.54 11.98 19.91
C LEU A 204 -14.76 10.46 19.85
N LEU A 205 -13.67 9.73 19.66
CA LEU A 205 -13.75 8.28 19.57
C LEU A 205 -13.51 7.57 20.89
N ARG A 206 -14.45 6.71 21.27
CA ARG A 206 -14.35 5.95 22.49
C ARG A 206 -13.03 5.15 22.46
N PRO A 207 -12.52 4.75 23.64
CA PRO A 207 -11.29 3.99 23.87
C PRO A 207 -11.13 2.63 23.18
N GLY A 208 -12.14 2.21 22.44
CA GLY A 208 -12.02 0.93 21.76
C GLY A 208 -12.63 1.10 20.40
N GLY A 209 -13.12 2.32 20.17
CA GLY A 209 -13.75 2.67 18.92
C GLY A 209 -12.88 2.55 17.69
N HIS A 210 -13.54 2.41 16.54
CA HIS A 210 -12.83 2.27 15.28
C HIS A 210 -12.88 3.52 14.40
N LEU A 211 -11.84 3.67 13.60
CA LEU A 211 -11.73 4.79 12.68
C LEU A 211 -11.41 4.30 11.29
N LEU A 212 -12.26 4.68 10.34
CA LEU A 212 -12.03 4.32 8.95
C LEU A 212 -11.63 5.63 8.25
N LEU A 213 -10.32 5.79 8.02
CA LEU A 213 -9.77 7.00 7.42
C LEU A 213 -9.32 6.80 5.96
N ILE A 214 -9.80 7.68 5.09
CA ILE A 214 -9.42 7.63 3.69
C ILE A 214 -8.78 8.99 3.34
N GLY A 215 -7.83 8.99 2.41
CA GLY A 215 -7.22 10.25 2.05
C GLY A 215 -6.42 10.23 0.78
N ALA A 216 -5.91 11.39 0.37
CA ALA A 216 -5.13 11.49 -0.83
C ALA A 216 -3.68 11.22 -0.46
N LEU A 217 -3.00 10.48 -1.32
CA LEU A 217 -1.61 10.13 -1.10
C LEU A 217 -0.69 10.97 -1.99
N GLU A 218 0.24 11.67 -1.34
CA GLU A 218 1.20 12.53 -2.02
C GLU A 218 0.55 13.54 -2.98
N GLU A 219 -0.56 14.15 -2.57
CA GLU A 219 -1.23 15.16 -3.41
C GLU A 219 -0.95 16.52 -2.77
N SER A 220 -0.95 17.59 -3.55
CA SER A 220 -0.65 18.91 -2.99
C SER A 220 -1.64 20.01 -3.33
N TRP A 221 -2.65 19.69 -4.12
CA TRP A 221 -3.66 20.68 -4.48
C TRP A 221 -4.77 19.99 -5.25
N TYR A 222 -5.95 20.61 -5.27
CA TYR A 222 -7.08 20.07 -6.03
C TYR A 222 -8.11 21.17 -6.21
N LEU A 223 -8.63 21.27 -7.43
CA LEU A 223 -9.60 22.29 -7.77
C LEU A 223 -10.99 21.94 -7.23
N ALA A 224 -11.85 22.96 -7.21
CA ALA A 224 -13.22 22.81 -6.73
C ALA A 224 -13.94 24.10 -7.11
N GLY A 225 -14.15 24.27 -8.41
CA GLY A 225 -14.79 25.48 -8.90
C GLY A 225 -13.74 26.59 -8.85
N GLU A 226 -14.16 27.80 -8.49
CA GLU A 226 -13.24 28.94 -8.43
C GLU A 226 -12.13 28.75 -7.38
N ALA A 227 -12.38 27.92 -6.37
CA ALA A 227 -11.40 27.68 -5.30
C ALA A 227 -10.27 26.72 -5.67
N ARG A 228 -9.12 26.92 -5.04
CA ARG A 228 -7.93 26.12 -5.26
C ARG A 228 -7.38 25.81 -3.88
N LEU A 229 -7.54 24.55 -3.46
CA LEU A 229 -7.11 24.10 -2.13
C LEU A 229 -5.67 23.60 -2.03
N THR A 230 -4.99 24.00 -0.97
CA THR A 230 -3.62 23.54 -0.74
C THR A 230 -3.73 22.31 0.15
N VAL A 231 -3.03 21.25 -0.22
CA VAL A 231 -3.10 20.04 0.59
C VAL A 231 -1.71 19.55 0.95
N VAL A 232 -1.64 18.66 1.93
CA VAL A 232 -0.38 18.10 2.40
C VAL A 232 0.00 16.76 1.79
N PRO A 233 1.01 16.74 0.92
CA PRO A 233 1.39 15.46 0.33
C PRO A 233 1.85 14.56 1.45
N VAL A 234 1.20 13.40 1.60
CA VAL A 234 1.55 12.46 2.66
C VAL A 234 1.77 11.08 2.07
N SER A 235 2.44 10.21 2.81
CA SER A 235 2.71 8.86 2.34
C SER A 235 2.07 7.83 3.27
N GLU A 236 2.03 6.59 2.84
CA GLU A 236 1.45 5.53 3.64
C GLU A 236 2.14 5.37 5.00
N GLU A 237 3.46 5.47 5.01
CA GLU A 237 4.23 5.33 6.24
C GLU A 237 4.05 6.52 7.16
N GLU A 238 3.80 7.69 6.58
CA GLU A 238 3.58 8.87 7.39
C GLU A 238 2.22 8.68 8.04
N VAL A 239 1.24 8.41 7.19
CA VAL A 239 -0.11 8.19 7.68
C VAL A 239 -0.08 7.13 8.79
N ARG A 240 0.68 6.06 8.58
CA ARG A 240 0.75 5.04 9.60
C ARG A 240 1.32 5.62 10.88
N GLU A 241 2.55 6.11 10.82
CA GLU A 241 3.20 6.68 11.99
C GLU A 241 2.25 7.63 12.73
N ALA A 242 1.50 8.44 11.97
CA ALA A 242 0.57 9.39 12.58
C ALA A 242 -0.58 8.71 13.34
N LEU A 243 -1.16 7.68 12.74
CA LEU A 243 -2.24 6.95 13.39
C LEU A 243 -1.70 6.41 14.71
N VAL A 244 -0.50 5.86 14.65
CA VAL A 244 0.15 5.31 15.83
C VAL A 244 0.41 6.42 16.85
N ARG A 245 1.18 7.42 16.42
CA ARG A 245 1.52 8.54 17.26
C ARG A 245 0.27 9.23 17.81
N SER A 246 -0.90 8.78 17.39
CA SER A 246 -2.13 9.40 17.87
C SER A 246 -2.86 8.47 18.83
N GLY A 247 -2.30 7.28 19.01
CA GLY A 247 -2.88 6.30 19.92
C GLY A 247 -3.66 5.17 19.28
N TYR A 248 -3.55 5.02 17.97
CA TYR A 248 -4.28 3.95 17.29
C TYR A 248 -3.48 2.69 17.07
N LYS A 249 -4.20 1.61 16.84
CA LYS A 249 -3.59 0.32 16.54
C LYS A 249 -4.05 0.07 15.11
N VAL A 250 -3.15 0.23 14.15
CA VAL A 250 -3.54 0.03 12.76
C VAL A 250 -3.87 -1.42 12.48
N ARG A 251 -5.06 -1.65 11.95
CA ARG A 251 -5.52 -2.98 11.61
C ARG A 251 -5.27 -3.28 10.12
N ASP A 252 -5.63 -2.31 9.28
CA ASP A 252 -5.44 -2.44 7.84
C ASP A 252 -5.03 -1.09 7.23
N LEU A 253 -4.05 -1.11 6.33
CA LEU A 253 -3.60 0.11 5.66
C LEU A 253 -3.29 -0.24 4.22
N ARG A 254 -4.22 0.09 3.34
CA ARG A 254 -4.09 -0.20 1.91
C ARG A 254 -3.94 1.04 1.08
N THR A 255 -3.25 0.89 -0.04
CA THR A 255 -3.04 2.01 -0.92
C THR A 255 -3.33 1.69 -2.40
N TYR A 256 -4.18 2.53 -2.96
CA TYR A 256 -4.61 2.45 -4.35
C TYR A 256 -3.69 3.38 -5.12
N ILE A 257 -3.23 2.99 -6.30
CA ILE A 257 -2.38 3.87 -7.08
C ILE A 257 -3.20 4.45 -8.24
N MET A 258 -3.30 5.77 -8.28
CA MET A 258 -4.08 6.43 -9.31
C MET A 258 -3.66 6.02 -10.72
N PRO A 259 -4.58 5.43 -11.47
CA PRO A 259 -4.24 5.01 -12.84
C PRO A 259 -4.12 6.27 -13.68
N ALA A 260 -3.64 6.12 -14.91
CA ALA A 260 -3.51 7.26 -15.80
C ALA A 260 -4.88 7.85 -16.14
N HIS A 261 -5.78 7.04 -16.71
CA HIS A 261 -7.10 7.53 -17.07
C HIS A 261 -7.83 8.23 -15.94
N LEU A 262 -7.39 8.07 -14.69
CA LEU A 262 -8.08 8.74 -13.62
C LEU A 262 -7.32 9.97 -13.14
N GLN A 263 -6.25 10.28 -13.87
CA GLN A 263 -5.45 11.45 -13.57
C GLN A 263 -5.84 12.53 -14.55
N THR A 264 -6.81 13.32 -14.14
CA THR A 264 -7.29 14.41 -14.95
C THR A 264 -6.58 15.61 -14.36
N GLY A 265 -6.99 16.82 -14.73
CA GLY A 265 -6.34 17.99 -14.20
C GLY A 265 -7.08 18.66 -13.06
N VAL A 266 -7.74 17.89 -12.20
CA VAL A 266 -8.47 18.50 -11.08
C VAL A 266 -7.68 18.45 -9.81
N ASP A 267 -6.57 17.73 -9.84
CA ASP A 267 -5.71 17.60 -8.68
C ASP A 267 -4.46 16.91 -9.15
N ASP A 268 -3.56 16.60 -8.23
CA ASP A 268 -2.33 15.91 -8.59
C ASP A 268 -2.10 14.66 -7.75
N VAL A 269 -3.18 14.06 -7.27
CA VAL A 269 -3.10 12.85 -6.45
C VAL A 269 -2.26 11.79 -7.16
N LYS A 270 -1.51 11.02 -6.39
CA LYS A 270 -0.68 9.96 -6.96
C LYS A 270 -1.32 8.62 -6.63
N GLY A 271 -1.97 8.55 -5.48
CA GLY A 271 -2.62 7.31 -5.05
C GLY A 271 -3.55 7.61 -3.90
N VAL A 272 -4.24 6.61 -3.37
CA VAL A 272 -5.17 6.85 -2.27
C VAL A 272 -5.07 5.80 -1.17
N PHE A 273 -5.14 6.23 0.08
CA PHE A 273 -5.01 5.32 1.20
C PHE A 273 -6.30 5.08 1.96
N PHE A 274 -6.37 3.89 2.55
CA PHE A 274 -7.50 3.46 3.36
C PHE A 274 -6.94 2.86 4.63
N ALA A 275 -7.37 3.39 5.78
CA ALA A 275 -6.88 2.88 7.07
C ALA A 275 -7.99 2.51 8.05
N TRP A 276 -7.87 1.31 8.61
CA TRP A 276 -8.83 0.83 9.61
C TRP A 276 -8.03 0.90 10.91
N ALA A 277 -8.27 1.96 11.66
CA ALA A 277 -7.57 2.18 12.91
C ALA A 277 -8.42 1.93 14.14
N GLN A 278 -7.77 1.47 15.20
CA GLN A 278 -8.46 1.17 16.45
C GLN A 278 -7.76 1.79 17.66
N LYS A 279 -8.49 2.64 18.37
CA LYS A 279 -7.97 3.31 19.56
C LYS A 279 -7.60 2.28 20.61
N VAL A 280 -6.31 2.18 20.90
CA VAL A 280 -5.79 1.25 21.89
C VAL A 280 -6.46 1.46 23.25
N GLY A 281 -6.91 0.36 23.85
CA GLY A 281 -7.56 0.41 25.15
C GLY A 281 -6.60 0.02 26.27
N LEU A 282 -5.59 0.87 26.50
CA LEU A 282 -4.58 0.65 27.53
C LEU A 282 -4.47 1.88 28.43
N PRO B 14 -4.79 -23.39 -20.58
CA PRO B 14 -3.91 -23.02 -21.68
C PRO B 14 -2.51 -23.63 -21.62
N ASP B 15 -1.62 -23.15 -22.48
CA ASP B 15 -0.24 -23.63 -22.53
C ASP B 15 0.72 -22.69 -21.81
N SER B 16 1.54 -23.27 -20.92
CA SER B 16 2.49 -22.50 -20.15
C SER B 16 3.73 -22.15 -20.98
N ALA B 17 4.43 -23.19 -21.41
CA ALA B 17 5.66 -23.08 -22.18
C ALA B 17 5.85 -21.84 -23.06
N PRO B 18 4.88 -21.50 -23.92
CA PRO B 18 5.02 -20.33 -24.79
C PRO B 18 5.52 -19.07 -24.07
N GLY B 19 4.68 -18.49 -23.21
CA GLY B 19 5.09 -17.30 -22.49
C GLY B 19 6.41 -17.50 -21.77
N GLN B 20 6.52 -18.63 -21.07
CA GLN B 20 7.72 -18.97 -20.33
C GLN B 20 8.96 -18.88 -21.20
N ALA B 21 8.86 -19.45 -22.40
CA ALA B 21 9.96 -19.44 -23.36
C ALA B 21 10.28 -17.99 -23.76
N ALA B 22 9.22 -17.20 -23.97
CA ALA B 22 9.38 -15.80 -24.33
C ALA B 22 10.33 -15.16 -23.33
N VAL B 23 10.01 -15.34 -22.05
CA VAL B 23 10.79 -14.81 -20.92
C VAL B 23 12.22 -15.38 -20.86
N ALA B 24 12.35 -16.70 -20.97
CA ALA B 24 13.69 -17.30 -20.95
C ALA B 24 14.52 -16.64 -22.05
N SER B 25 13.95 -16.58 -23.25
CA SER B 25 14.63 -15.97 -24.39
C SER B 25 14.96 -14.51 -24.14
N ALA B 26 14.00 -13.79 -23.58
CA ALA B 26 14.16 -12.36 -23.31
C ALA B 26 15.26 -12.06 -22.32
N TYR B 27 15.53 -13.00 -21.42
CA TYR B 27 16.56 -12.79 -20.40
C TYR B 27 17.99 -13.07 -20.83
N GLN B 28 18.15 -13.71 -21.98
CA GLN B 28 19.49 -14.01 -22.49
C GLN B 28 20.17 -12.71 -22.92
N ARG B 29 19.42 -11.61 -22.91
CA ARG B 29 19.97 -10.33 -23.30
C ARG B 29 20.13 -9.44 -22.07
N PHE B 30 19.98 -10.03 -20.89
CA PHE B 30 20.08 -9.34 -19.59
C PHE B 30 21.52 -8.90 -19.26
N GLU B 31 21.69 -7.62 -18.92
CA GLU B 31 23.02 -7.08 -18.57
C GLU B 31 23.18 -6.68 -17.10
N PRO B 32 23.67 -7.60 -16.25
CA PRO B 32 23.88 -7.34 -14.83
C PRO B 32 24.33 -5.92 -14.49
N ARG B 33 25.47 -5.53 -15.03
CA ARG B 33 26.04 -4.22 -14.77
C ARG B 33 25.14 -3.08 -15.15
N ALA B 34 24.42 -3.22 -16.25
CA ALA B 34 23.49 -2.19 -16.68
C ALA B 34 22.30 -2.18 -15.69
N TYR B 35 21.81 -3.37 -15.36
CA TYR B 35 20.71 -3.56 -14.42
C TYR B 35 21.06 -2.83 -13.14
N LEU B 36 22.28 -3.06 -12.69
CA LEU B 36 22.79 -2.44 -11.48
C LEU B 36 22.83 -0.93 -11.59
N ARG B 37 23.42 -0.47 -12.68
CA ARG B 37 23.57 0.95 -12.95
C ARG B 37 22.22 1.65 -12.82
N ASN B 38 21.20 1.10 -13.48
CA ASN B 38 19.88 1.69 -13.49
C ASN B 38 19.11 1.65 -12.19
N ASN B 39 19.21 0.55 -11.45
CA ASN B 39 18.47 0.39 -10.20
C ASN B 39 19.17 0.57 -8.85
N TYR B 40 20.48 0.39 -8.80
CA TYR B 40 21.16 0.53 -7.53
C TYR B 40 22.21 1.62 -7.47
N ALA B 41 22.31 2.40 -8.54
CA ALA B 41 23.23 3.53 -8.56
C ALA B 41 22.31 4.75 -8.46
N PRO B 42 22.86 5.91 -8.07
CA PRO B 42 22.00 7.10 -7.96
C PRO B 42 21.16 7.30 -9.23
N PRO B 43 20.01 7.97 -9.10
CA PRO B 43 19.43 8.55 -7.88
C PRO B 43 18.82 7.51 -6.95
N ARG B 44 18.39 6.39 -7.50
CA ARG B 44 17.78 5.34 -6.68
C ARG B 44 18.75 4.78 -5.66
N GLY B 45 20.01 4.70 -6.05
CA GLY B 45 21.05 4.19 -5.19
C GLY B 45 21.59 5.22 -4.20
N ASP B 46 20.99 6.40 -4.18
CA ASP B 46 21.45 7.41 -3.25
C ASP B 46 20.64 7.19 -1.98
N LEU B 47 21.24 6.56 -0.98
CA LEU B 47 20.54 6.29 0.25
C LEU B 47 20.48 7.49 1.19
N CYS B 48 20.93 8.65 0.71
CA CYS B 48 20.89 9.84 1.56
C CYS B 48 19.46 10.32 1.69
N ASN B 49 18.74 10.39 0.58
CA ASN B 49 17.36 10.84 0.62
C ASN B 49 16.57 9.84 1.44
N PRO B 50 16.04 10.27 2.58
CA PRO B 50 15.26 9.38 3.45
C PRO B 50 13.93 8.98 2.84
N ASN B 51 13.54 9.66 1.76
CA ASN B 51 12.29 9.37 1.08
C ASN B 51 12.47 8.55 -0.19
N GLY B 52 13.58 7.83 -0.29
CA GLY B 52 13.84 7.05 -1.48
C GLY B 52 13.52 5.58 -1.39
N VAL B 53 13.50 4.91 -2.54
CA VAL B 53 13.20 3.47 -2.63
C VAL B 53 14.18 2.69 -1.78
N GLY B 54 15.45 3.08 -1.90
CA GLY B 54 16.50 2.40 -1.17
C GLY B 54 16.20 2.32 0.31
N PRO B 55 16.21 3.46 0.98
CA PRO B 55 15.92 3.46 2.41
C PRO B 55 14.68 2.66 2.74
N TRP B 56 13.60 2.95 2.02
CA TRP B 56 12.35 2.29 2.29
C TRP B 56 12.44 0.76 2.29
N LYS B 57 12.98 0.17 1.23
CA LYS B 57 13.09 -1.29 1.17
C LYS B 57 13.95 -1.86 2.31
N LEU B 58 15.14 -1.28 2.53
CA LEU B 58 16.02 -1.74 3.60
C LEU B 58 15.29 -1.64 4.91
N ARG B 59 14.60 -0.52 5.07
CA ARG B 59 13.83 -0.18 6.24
C ARG B 59 12.77 -1.27 6.48
N CYS B 60 12.05 -1.66 5.43
CA CYS B 60 11.01 -2.69 5.57
C CYS B 60 11.61 -3.98 6.08
N LEU B 61 12.72 -4.39 5.48
CA LEU B 61 13.41 -5.62 5.86
C LEU B 61 13.92 -5.58 7.31
N ALA B 62 14.60 -4.50 7.65
CA ALA B 62 15.16 -4.32 8.99
C ALA B 62 14.08 -4.41 10.06
N GLN B 63 13.03 -3.62 9.91
CA GLN B 63 11.93 -3.61 10.86
C GLN B 63 11.30 -4.98 11.05
N THR B 64 11.15 -5.71 9.95
CA THR B 64 10.56 -7.04 10.03
C THR B 64 11.43 -8.00 10.86
N PHE B 65 12.70 -8.14 10.50
CA PHE B 65 13.58 -9.03 11.24
C PHE B 65 13.73 -8.58 12.68
N ALA B 66 13.57 -7.27 12.89
CA ALA B 66 13.70 -6.68 14.21
C ALA B 66 12.60 -7.13 15.18
N THR B 67 11.48 -7.62 14.66
CA THR B 67 10.39 -8.07 15.51
C THR B 67 10.75 -9.46 16.01
N GLY B 68 11.91 -9.94 15.55
CA GLY B 68 12.39 -11.25 15.94
C GLY B 68 11.51 -12.46 15.63
N GLU B 69 10.48 -12.30 14.80
CA GLU B 69 9.60 -13.42 14.48
C GLU B 69 9.98 -14.23 13.25
N VAL B 70 11.01 -13.80 12.55
CA VAL B 70 11.47 -14.50 11.35
C VAL B 70 12.82 -15.09 11.68
N SER B 71 12.84 -16.32 12.13
CA SER B 71 14.08 -16.93 12.52
C SER B 71 14.22 -18.35 12.06
N GLY B 72 15.40 -18.91 12.29
CA GLY B 72 15.67 -20.28 11.90
C GLY B 72 17.11 -20.50 11.52
N ARG B 73 17.35 -21.59 10.81
CA ARG B 73 18.67 -21.95 10.36
C ARG B 73 18.81 -21.67 8.87
N THR B 74 17.83 -22.11 8.08
CA THR B 74 17.89 -21.94 6.62
C THR B 74 16.92 -20.91 6.01
N LEU B 75 17.46 -20.16 5.06
CA LEU B 75 16.69 -19.17 4.33
C LEU B 75 17.12 -19.23 2.88
N ILE B 76 16.17 -18.98 1.97
CA ILE B 76 16.47 -18.99 0.53
C ILE B 76 16.03 -17.70 -0.14
N ASP B 77 16.90 -17.18 -0.99
CA ASP B 77 16.60 -15.96 -1.73
C ASP B 77 16.21 -16.34 -3.17
N ILE B 78 14.93 -16.22 -3.49
CA ILE B 78 14.43 -16.57 -4.82
C ILE B 78 14.74 -15.48 -5.84
N GLY B 79 15.53 -15.83 -6.86
CA GLY B 79 15.88 -14.87 -7.89
C GLY B 79 16.71 -13.69 -7.38
N SER B 80 17.84 -13.99 -6.74
CA SER B 80 18.72 -12.97 -6.18
C SER B 80 19.23 -11.95 -7.18
N GLY B 81 19.49 -12.39 -8.40
CA GLY B 81 20.01 -11.48 -9.40
C GLY B 81 21.43 -11.08 -9.00
N PRO B 82 21.89 -9.90 -9.39
CA PRO B 82 23.25 -9.56 -8.98
C PRO B 82 23.20 -8.66 -7.77
N THR B 83 22.24 -8.90 -6.88
CA THR B 83 22.15 -8.05 -5.69
C THR B 83 22.29 -8.76 -4.36
N VAL B 84 22.59 -7.92 -3.37
CA VAL B 84 22.84 -8.33 -1.99
C VAL B 84 21.93 -7.61 -0.96
N TYR B 85 21.77 -6.30 -1.12
CA TYR B 85 20.95 -5.44 -0.24
C TYR B 85 19.77 -6.15 0.39
N GLN B 86 19.18 -7.06 -0.37
CA GLN B 86 18.03 -7.81 0.06
C GLN B 86 18.30 -8.76 1.23
N LEU B 87 19.57 -9.05 1.49
CA LEU B 87 19.93 -9.96 2.58
C LEU B 87 20.71 -9.36 3.73
N LEU B 88 20.96 -8.05 3.67
CA LEU B 88 21.70 -7.35 4.70
C LEU B 88 21.15 -7.55 6.12
N SER B 89 19.91 -7.14 6.37
CA SER B 89 19.32 -7.30 7.69
C SER B 89 18.93 -8.74 8.00
N ALA B 90 18.88 -9.57 6.97
CA ALA B 90 18.50 -10.96 7.14
C ALA B 90 19.63 -11.86 7.63
N CYS B 91 20.83 -11.69 7.05
CA CYS B 91 21.97 -12.54 7.40
C CYS B 91 22.24 -12.72 8.88
N SER B 92 21.93 -11.70 9.68
CA SER B 92 22.18 -11.83 11.10
C SER B 92 21.11 -12.66 11.80
N HIS B 93 20.35 -13.46 11.05
CA HIS B 93 19.30 -14.28 11.65
C HIS B 93 19.22 -15.70 11.12
N PHE B 94 19.91 -15.96 10.02
CA PHE B 94 19.95 -17.29 9.40
C PHE B 94 21.39 -17.70 9.15
N GLU B 95 21.80 -18.82 9.74
CA GLU B 95 23.19 -19.28 9.58
C GLU B 95 23.45 -19.84 8.20
N ASP B 96 22.40 -20.30 7.54
CA ASP B 96 22.55 -20.91 6.22
C ASP B 96 21.69 -20.26 5.15
N ILE B 97 22.31 -19.40 4.35
CA ILE B 97 21.61 -18.70 3.29
C ILE B 97 21.89 -19.28 1.90
N THR B 98 20.86 -19.32 1.08
CA THR B 98 20.99 -19.82 -0.28
C THR B 98 20.55 -18.77 -1.29
N MET B 99 21.49 -18.27 -2.09
CA MET B 99 21.16 -17.29 -3.10
C MET B 99 20.88 -18.09 -4.36
N THR B 100 20.14 -17.52 -5.29
CA THR B 100 19.78 -18.22 -6.51
C THR B 100 19.47 -17.29 -7.67
N ASP B 101 19.37 -17.86 -8.86
CA ASP B 101 19.01 -17.10 -10.04
C ASP B 101 19.05 -17.93 -11.32
N PHE B 102 18.29 -17.46 -12.30
CA PHE B 102 18.16 -18.10 -13.59
C PHE B 102 19.46 -18.03 -14.42
N LEU B 103 19.94 -16.80 -14.63
CA LEU B 103 21.15 -16.55 -15.40
C LEU B 103 22.42 -16.82 -14.63
N GLU B 104 23.39 -17.45 -15.26
CA GLU B 104 24.63 -17.70 -14.54
C GLU B 104 25.52 -16.47 -14.62
N VAL B 105 25.21 -15.56 -15.54
CA VAL B 105 25.98 -14.32 -15.65
C VAL B 105 25.69 -13.52 -14.40
N ASN B 106 24.55 -13.81 -13.78
CA ASN B 106 24.14 -13.13 -12.55
C ASN B 106 24.79 -13.86 -11.38
N ARG B 107 24.65 -15.18 -11.38
CA ARG B 107 25.26 -16.00 -10.33
C ARG B 107 26.73 -15.60 -10.24
N GLN B 108 27.33 -15.39 -11.41
CA GLN B 108 28.73 -14.99 -11.51
C GLN B 108 28.97 -13.61 -10.92
N GLU B 109 28.05 -12.68 -11.14
CA GLU B 109 28.21 -11.33 -10.60
C GLU B 109 28.18 -11.41 -9.08
N LEU B 110 27.44 -12.38 -8.57
CA LEU B 110 27.38 -12.57 -7.13
C LEU B 110 28.75 -13.12 -6.76
N GLY B 111 29.10 -14.26 -7.35
CA GLY B 111 30.38 -14.86 -7.09
C GLY B 111 31.49 -13.82 -7.02
N ARG B 112 31.44 -12.83 -7.91
CA ARG B 112 32.45 -11.79 -7.90
C ARG B 112 32.47 -11.04 -6.58
N TRP B 113 31.29 -10.70 -6.06
CA TRP B 113 31.23 -9.97 -4.79
C TRP B 113 31.62 -10.87 -3.65
N LEU B 114 31.30 -12.15 -3.77
CA LEU B 114 31.64 -13.10 -2.73
C LEU B 114 33.15 -13.27 -2.56
N GLN B 115 33.86 -13.34 -3.68
CA GLN B 115 35.30 -13.50 -3.68
C GLN B 115 35.95 -12.17 -3.32
N GLU B 116 35.11 -11.18 -3.09
CA GLU B 116 35.58 -9.85 -2.73
C GLU B 116 36.56 -9.28 -3.75
N GLU B 117 36.30 -9.53 -5.03
CA GLU B 117 37.15 -9.04 -6.10
C GLU B 117 36.90 -7.55 -6.32
N PRO B 118 37.96 -6.75 -6.42
CA PRO B 118 37.73 -5.31 -6.63
C PRO B 118 36.85 -5.00 -7.85
N GLY B 119 36.68 -5.98 -8.72
CA GLY B 119 35.86 -5.75 -9.89
C GLY B 119 34.36 -5.67 -9.57
N ALA B 120 33.97 -6.43 -8.55
CA ALA B 120 32.58 -6.51 -8.11
C ALA B 120 31.88 -5.17 -7.88
N PHE B 121 30.57 -5.25 -7.71
CA PHE B 121 29.74 -4.08 -7.45
C PHE B 121 29.91 -3.71 -5.98
N ASN B 122 30.02 -2.42 -5.67
CA ASN B 122 30.16 -2.02 -4.29
C ASN B 122 28.82 -1.72 -3.61
N TRP B 123 28.48 -2.52 -2.61
CA TRP B 123 27.23 -2.34 -1.89
C TRP B 123 27.44 -1.66 -0.54
N SER B 124 28.61 -1.08 -0.34
CA SER B 124 28.89 -0.44 0.94
C SER B 124 27.93 0.68 1.34
N MET B 125 27.24 1.28 0.37
CA MET B 125 26.30 2.37 0.71
C MET B 125 25.05 1.75 1.30
N TYR B 126 24.70 0.59 0.79
CA TYR B 126 23.54 -0.12 1.28
C TYR B 126 23.85 -0.69 2.65
N SER B 127 25.01 -1.32 2.78
CA SER B 127 25.45 -1.93 4.03
C SER B 127 25.47 -0.92 5.14
N GLN B 128 26.24 0.15 4.94
CA GLN B 128 26.35 1.21 5.93
C GLN B 128 24.95 1.60 6.39
N HIS B 129 24.02 1.72 5.45
CA HIS B 129 22.66 2.13 5.78
C HIS B 129 21.91 1.09 6.61
N ALA B 130 21.97 -0.17 6.20
CA ALA B 130 21.30 -1.24 6.95
C ALA B 130 21.80 -1.26 8.39
N CYS B 131 23.08 -0.89 8.56
CA CYS B 131 23.73 -0.84 9.86
C CYS B 131 23.22 0.38 10.60
N LEU B 132 23.03 1.44 9.83
CA LEU B 132 22.53 2.68 10.38
C LEU B 132 21.12 2.47 10.91
N ILE B 133 20.28 1.83 10.10
CA ILE B 133 18.89 1.60 10.48
C ILE B 133 18.65 0.47 11.46
N GLU B 134 19.54 -0.52 11.46
CA GLU B 134 19.41 -1.64 12.39
C GLU B 134 19.78 -1.15 13.81
N GLY B 135 20.36 0.05 13.88
CA GLY B 135 20.74 0.67 15.14
C GLY B 135 21.46 -0.11 16.23
N LYS B 136 22.32 -1.05 15.84
CA LYS B 136 23.05 -1.84 16.83
C LYS B 136 24.52 -1.45 16.76
N GLY B 137 24.78 -0.28 16.19
CA GLY B 137 26.14 0.22 16.05
C GLY B 137 27.11 -0.76 15.42
N GLU B 138 26.73 -1.37 14.30
CA GLU B 138 27.61 -2.31 13.62
C GLU B 138 28.34 -1.60 12.50
N CYS B 139 29.52 -2.10 12.13
CA CYS B 139 30.25 -1.48 11.05
C CYS B 139 29.91 -2.27 9.81
N TRP B 140 29.74 -1.59 8.68
CA TRP B 140 29.34 -2.28 7.48
C TRP B 140 30.21 -3.43 6.98
N GLN B 141 31.52 -3.31 7.14
CA GLN B 141 32.40 -4.38 6.69
C GLN B 141 32.26 -5.63 7.55
N ASP B 142 31.65 -5.46 8.73
CA ASP B 142 31.40 -6.56 9.65
C ASP B 142 30.12 -7.23 9.18
N LYS B 143 29.17 -6.41 8.70
CA LYS B 143 27.91 -6.91 8.20
C LYS B 143 28.13 -7.68 6.90
N GLU B 144 28.94 -7.13 6.00
CA GLU B 144 29.24 -7.80 4.74
C GLU B 144 30.06 -9.08 4.96
N ARG B 145 30.89 -9.09 6.00
CA ARG B 145 31.70 -10.26 6.26
C ARG B 145 30.78 -11.39 6.67
N GLN B 146 29.76 -11.06 7.44
CA GLN B 146 28.80 -12.04 7.92
C GLN B 146 27.94 -12.58 6.79
N LEU B 147 27.62 -11.71 5.85
CA LEU B 147 26.81 -12.12 4.72
C LEU B 147 27.62 -13.05 3.85
N ARG B 148 28.87 -12.70 3.56
CA ARG B 148 29.69 -13.58 2.75
C ARG B 148 29.82 -14.95 3.44
N ALA B 149 29.98 -14.93 4.76
CA ALA B 149 30.12 -16.16 5.55
C ALA B 149 28.89 -17.07 5.50
N ARG B 150 27.73 -16.50 5.83
CA ARG B 150 26.51 -17.29 5.85
C ARG B 150 25.94 -17.69 4.48
N VAL B 151 26.35 -17.01 3.40
CA VAL B 151 25.86 -17.40 2.09
C VAL B 151 26.65 -18.66 1.74
N LYS B 152 25.97 -19.80 1.83
CA LYS B 152 26.57 -21.10 1.60
C LYS B 152 26.59 -21.62 0.16
N ARG B 153 25.76 -21.05 -0.70
CA ARG B 153 25.75 -21.51 -2.09
C ARG B 153 24.83 -20.70 -2.98
N VAL B 154 25.26 -20.51 -4.23
CA VAL B 154 24.49 -19.77 -5.23
C VAL B 154 23.95 -20.81 -6.20
N LEU B 155 22.63 -21.02 -6.16
CA LEU B 155 21.98 -22.02 -7.02
C LEU B 155 21.16 -21.48 -8.17
N PRO B 156 21.18 -22.19 -9.31
CA PRO B 156 20.41 -21.75 -10.47
C PRO B 156 18.96 -22.09 -10.13
N ILE B 157 18.02 -21.30 -10.63
CA ILE B 157 16.62 -21.53 -10.31
C ILE B 157 15.67 -21.11 -11.43
N ASP B 158 14.53 -21.78 -11.50
CA ASP B 158 13.51 -21.45 -12.49
C ASP B 158 12.17 -21.40 -11.75
N VAL B 159 11.76 -20.19 -11.40
CA VAL B 159 10.53 -19.97 -10.69
C VAL B 159 9.32 -20.66 -11.35
N HIS B 160 9.46 -21.05 -12.61
CA HIS B 160 8.37 -21.69 -13.31
C HIS B 160 8.24 -23.21 -13.29
N GLN B 161 9.18 -23.90 -12.65
CA GLN B 161 9.13 -25.36 -12.57
C GLN B 161 8.41 -25.81 -11.31
N PRO B 162 7.83 -27.01 -11.33
CA PRO B 162 7.12 -27.53 -10.16
C PRO B 162 8.07 -27.62 -8.96
N GLN B 163 9.36 -27.80 -9.28
CA GLN B 163 10.42 -27.88 -8.29
C GLN B 163 11.44 -26.86 -8.73
N PRO B 164 11.18 -25.60 -8.40
CA PRO B 164 11.97 -24.41 -8.69
C PRO B 164 13.47 -24.59 -8.65
N LEU B 165 13.93 -25.36 -7.68
CA LEU B 165 15.34 -25.57 -7.46
C LEU B 165 16.04 -26.68 -8.23
N GLY B 166 15.29 -27.72 -8.56
CA GLY B 166 15.88 -28.83 -9.28
C GLY B 166 15.40 -30.13 -8.67
N ALA B 167 15.61 -31.22 -9.39
CA ALA B 167 15.18 -32.56 -8.98
C ALA B 167 15.52 -32.93 -7.52
N GLY B 168 16.75 -33.37 -7.30
CA GLY B 168 17.17 -33.74 -5.95
C GLY B 168 17.94 -32.58 -5.35
N SER B 169 17.26 -31.44 -5.31
CA SER B 169 17.81 -30.19 -4.80
C SER B 169 18.96 -30.31 -3.80
N PRO B 170 20.03 -29.54 -4.03
CA PRO B 170 21.22 -29.49 -3.20
C PRO B 170 20.94 -28.68 -1.94
N ALA B 171 20.01 -27.74 -2.07
CA ALA B 171 19.65 -26.88 -0.96
C ALA B 171 18.95 -27.62 0.16
N PRO B 172 19.10 -27.12 1.40
CA PRO B 172 18.46 -27.74 2.56
C PRO B 172 17.00 -27.36 2.51
N LEU B 173 16.13 -28.32 2.25
CA LEU B 173 14.70 -28.02 2.22
C LEU B 173 13.98 -28.77 3.34
N PRO B 174 12.86 -28.22 3.83
CA PRO B 174 12.35 -26.94 3.33
C PRO B 174 13.10 -25.84 4.04
N ALA B 175 13.10 -24.65 3.48
CA ALA B 175 13.78 -23.56 4.14
C ALA B 175 12.89 -22.97 5.23
N ASP B 176 13.49 -22.35 6.23
CA ASP B 176 12.72 -21.74 7.31
C ASP B 176 12.07 -20.45 6.83
N ALA B 177 12.78 -19.74 5.94
CA ALA B 177 12.28 -18.49 5.40
C ALA B 177 12.61 -18.36 3.93
N LEU B 178 12.04 -17.34 3.28
CA LEU B 178 12.28 -17.07 1.88
C LEU B 178 12.29 -15.56 1.70
N VAL B 179 13.11 -15.10 0.76
CA VAL B 179 13.19 -13.69 0.44
C VAL B 179 13.23 -13.64 -1.06
N SER B 180 12.49 -12.71 -1.65
CA SER B 180 12.50 -12.55 -3.09
C SER B 180 12.13 -11.12 -3.40
N ALA B 181 12.93 -10.46 -4.23
CA ALA B 181 12.65 -9.09 -4.56
C ALA B 181 12.74 -8.80 -6.05
N PHE B 182 11.63 -8.33 -6.62
CA PHE B 182 11.61 -7.98 -8.04
C PHE B 182 11.82 -9.15 -8.97
N CYS B 183 11.30 -10.32 -8.60
CA CYS B 183 11.47 -11.48 -9.46
C CYS B 183 10.14 -11.86 -10.14
N LEU B 184 9.31 -12.61 -9.44
CA LEU B 184 8.05 -13.05 -10.00
C LEU B 184 7.38 -12.11 -11.01
N GLU B 185 7.21 -10.83 -10.70
CA GLU B 185 6.54 -9.96 -11.66
C GLU B 185 7.31 -9.80 -12.96
N ALA B 186 8.64 -9.70 -12.86
CA ALA B 186 9.48 -9.49 -14.03
C ALA B 186 9.80 -10.74 -14.81
N VAL B 187 9.12 -11.84 -14.47
CA VAL B 187 9.40 -13.09 -15.12
C VAL B 187 8.15 -13.86 -15.57
N SER B 188 7.01 -13.57 -14.98
CA SER B 188 5.79 -14.25 -15.38
C SER B 188 5.01 -13.34 -16.35
N PRO B 189 4.45 -13.92 -17.44
CA PRO B 189 3.68 -13.23 -18.47
C PRO B 189 2.42 -12.57 -17.95
N ASP B 190 1.59 -13.36 -17.28
CA ASP B 190 0.33 -12.87 -16.75
C ASP B 190 0.22 -13.14 -15.24
N LEU B 191 -0.89 -12.71 -14.65
CA LEU B 191 -1.13 -12.90 -13.23
C LEU B 191 -1.30 -14.36 -12.84
N ALA B 192 -1.69 -15.18 -13.81
CA ALA B 192 -1.89 -16.61 -13.57
C ALA B 192 -0.55 -17.32 -13.46
N SER B 193 0.42 -16.83 -14.23
CA SER B 193 1.77 -17.39 -14.27
C SER B 193 2.46 -16.99 -12.97
N PHE B 194 2.11 -15.79 -12.51
CA PHE B 194 2.61 -15.21 -11.29
C PHE B 194 2.13 -16.10 -10.15
N GLN B 195 0.82 -16.33 -10.10
CA GLN B 195 0.22 -17.15 -9.06
C GLN B 195 0.91 -18.50 -9.05
N ARG B 196 0.99 -19.11 -10.23
CA ARG B 196 1.61 -20.41 -10.37
C ARG B 196 3.00 -20.42 -9.75
N ALA B 197 3.81 -19.47 -10.18
CA ALA B 197 5.18 -19.29 -9.71
C ALA B 197 5.23 -19.14 -8.19
N LEU B 198 4.31 -18.36 -7.63
CA LEU B 198 4.29 -18.18 -6.20
C LEU B 198 4.06 -19.53 -5.52
N ASP B 199 3.08 -20.30 -5.97
CA ASP B 199 2.86 -21.59 -5.34
C ASP B 199 4.15 -22.40 -5.45
N HIS B 200 4.75 -22.36 -6.63
CA HIS B 200 5.98 -23.09 -6.91
C HIS B 200 7.08 -22.93 -5.86
N ILE B 201 7.43 -21.69 -5.53
CA ILE B 201 8.46 -21.42 -4.54
C ILE B 201 7.96 -21.70 -3.14
N THR B 202 6.65 -21.54 -2.94
CA THR B 202 6.03 -21.78 -1.64
C THR B 202 6.22 -23.24 -1.24
N THR B 203 6.63 -24.05 -2.21
CA THR B 203 6.88 -25.46 -2.00
C THR B 203 8.17 -25.62 -1.19
N LEU B 204 9.06 -24.65 -1.32
CA LEU B 204 10.34 -24.68 -0.62
C LEU B 204 10.26 -24.20 0.83
N LEU B 205 9.17 -23.52 1.18
CA LEU B 205 8.98 -22.99 2.52
C LEU B 205 8.21 -23.92 3.43
N ARG B 206 8.70 -24.13 4.65
CA ARG B 206 8.01 -25.01 5.60
C ARG B 206 6.80 -24.30 6.17
N PRO B 207 5.73 -25.04 6.48
CA PRO B 207 4.56 -24.35 7.04
C PRO B 207 5.04 -23.58 8.27
N GLY B 208 4.30 -22.57 8.69
CA GLY B 208 4.74 -21.78 9.83
C GLY B 208 5.93 -20.91 9.46
N GLY B 209 6.37 -21.05 8.21
CA GLY B 209 7.50 -20.27 7.71
C GLY B 209 7.11 -18.90 7.18
N HIS B 210 8.12 -18.05 6.97
CA HIS B 210 7.88 -16.69 6.52
C HIS B 210 8.47 -16.35 5.16
N LEU B 211 7.69 -15.60 4.38
CA LEU B 211 8.08 -15.12 3.06
C LEU B 211 8.10 -13.58 3.08
N LEU B 212 9.18 -12.99 2.58
CA LEU B 212 9.31 -11.54 2.51
C LEU B 212 9.42 -11.20 1.03
N LEU B 213 8.35 -10.64 0.46
CA LEU B 213 8.32 -10.32 -0.96
C LEU B 213 8.41 -8.86 -1.25
N ILE B 214 9.27 -8.52 -2.19
CA ILE B 214 9.39 -7.14 -2.63
C ILE B 214 9.19 -7.22 -4.14
N GLY B 215 8.46 -6.25 -4.70
CA GLY B 215 8.25 -6.28 -6.13
C GLY B 215 7.80 -4.95 -6.69
N ALA B 216 7.69 -4.89 -8.03
CA ALA B 216 7.28 -3.68 -8.73
C ALA B 216 5.76 -3.58 -8.81
N LEU B 217 5.23 -2.38 -8.57
CA LEU B 217 3.79 -2.17 -8.60
C LEU B 217 3.34 -1.53 -9.90
N GLU B 218 2.39 -2.19 -10.56
CA GLU B 218 1.84 -1.70 -11.82
C GLU B 218 2.96 -1.29 -12.77
N GLU B 219 3.81 -2.27 -13.08
CA GLU B 219 4.95 -2.06 -13.96
C GLU B 219 4.79 -3.02 -15.14
N SER B 220 5.15 -2.56 -16.34
CA SER B 220 5.05 -3.40 -17.53
C SER B 220 6.41 -3.65 -18.18
N TRP B 221 7.35 -2.75 -17.98
CA TRP B 221 8.68 -2.92 -18.56
C TRP B 221 9.83 -2.26 -17.77
N TYR B 222 11.06 -2.67 -18.08
CA TYR B 222 12.27 -2.11 -17.46
C TYR B 222 13.47 -2.49 -18.32
N LEU B 223 14.51 -1.66 -18.27
CA LEU B 223 15.72 -1.88 -19.05
C LEU B 223 16.86 -2.51 -18.26
N ALA B 224 17.49 -3.51 -18.88
CA ALA B 224 18.61 -4.21 -18.26
C ALA B 224 19.72 -4.28 -19.28
N GLY B 225 20.08 -3.12 -19.82
CA GLY B 225 21.13 -3.05 -20.83
C GLY B 225 20.51 -2.95 -22.21
N GLU B 226 20.76 -3.95 -23.06
CA GLU B 226 20.18 -3.97 -24.41
C GLU B 226 18.69 -4.28 -24.25
N ALA B 227 18.43 -5.29 -23.43
CA ALA B 227 17.09 -5.80 -23.14
C ALA B 227 16.10 -4.88 -22.42
N ARG B 228 14.91 -4.77 -23.00
CA ARG B 228 13.79 -4.01 -22.44
C ARG B 228 12.80 -5.13 -22.19
N LEU B 229 12.74 -5.59 -20.95
CA LEU B 229 11.88 -6.71 -20.59
C LEU B 229 10.48 -6.34 -20.17
N THR B 230 9.53 -7.21 -20.51
CA THR B 230 8.14 -7.00 -20.17
C THR B 230 7.81 -7.75 -18.88
N VAL B 231 6.99 -7.12 -18.04
CA VAL B 231 6.60 -7.70 -16.77
C VAL B 231 5.09 -7.50 -16.59
N VAL B 232 4.46 -8.37 -15.81
CA VAL B 232 3.04 -8.26 -15.56
C VAL B 232 2.80 -7.15 -14.54
N PRO B 233 2.00 -6.15 -14.92
CA PRO B 233 1.72 -5.05 -13.99
C PRO B 233 0.74 -5.58 -12.95
N VAL B 234 1.11 -5.49 -11.68
CA VAL B 234 0.25 -5.99 -10.61
C VAL B 234 -0.06 -4.93 -9.56
N SER B 235 -1.22 -5.04 -8.93
CA SER B 235 -1.65 -4.09 -7.89
C SER B 235 -1.45 -4.69 -6.50
N GLU B 236 -1.47 -3.85 -5.48
CA GLU B 236 -1.29 -4.36 -4.12
C GLU B 236 -2.31 -5.48 -3.90
N GLU B 237 -3.57 -5.25 -4.28
CA GLU B 237 -4.64 -6.24 -4.13
C GLU B 237 -4.31 -7.61 -4.73
N GLU B 238 -3.92 -7.60 -6.00
CA GLU B 238 -3.59 -8.83 -6.70
C GLU B 238 -2.51 -9.59 -5.93
N VAL B 239 -1.69 -8.86 -5.18
CA VAL B 239 -0.64 -9.48 -4.40
C VAL B 239 -1.17 -10.04 -3.08
N ARG B 240 -2.07 -9.31 -2.42
CA ARG B 240 -2.62 -9.81 -1.17
C ARG B 240 -3.35 -11.08 -1.54
N GLU B 241 -4.05 -11.01 -2.67
CA GLU B 241 -4.82 -12.12 -3.23
C GLU B 241 -3.93 -13.33 -3.55
N ALA B 242 -2.88 -13.09 -4.32
CA ALA B 242 -1.95 -14.15 -4.70
C ALA B 242 -1.38 -14.89 -3.49
N LEU B 243 -1.03 -14.13 -2.45
CA LEU B 243 -0.47 -14.70 -1.24
C LEU B 243 -1.47 -15.62 -0.58
N VAL B 244 -2.63 -15.07 -0.25
CA VAL B 244 -3.72 -15.82 0.39
C VAL B 244 -3.96 -17.17 -0.28
N ARG B 245 -4.11 -17.14 -1.60
CA ARG B 245 -4.31 -18.36 -2.37
C ARG B 245 -3.20 -19.39 -2.20
N SER B 246 -1.96 -18.93 -2.22
CA SER B 246 -0.84 -19.84 -2.10
C SER B 246 -0.70 -20.41 -0.70
N GLY B 247 -1.57 -19.98 0.21
CA GLY B 247 -1.55 -20.52 1.56
C GLY B 247 -0.85 -19.75 2.66
N TYR B 248 -0.68 -18.46 2.48
CA TYR B 248 0.00 -17.61 3.46
C TYR B 248 -1.02 -16.76 4.17
N LYS B 249 -0.59 -16.19 5.28
CA LYS B 249 -1.43 -15.28 6.02
C LYS B 249 -0.62 -14.00 5.85
N VAL B 250 -1.27 -12.94 5.39
CA VAL B 250 -0.56 -11.70 5.19
C VAL B 250 -0.42 -10.94 6.48
N ARG B 251 0.82 -10.71 6.91
CA ARG B 251 1.07 -9.99 8.14
C ARG B 251 1.37 -8.51 7.94
N ASP B 252 1.82 -8.15 6.74
CA ASP B 252 2.14 -6.76 6.43
C ASP B 252 2.28 -6.59 4.92
N LEU B 253 1.57 -5.62 4.38
CA LEU B 253 1.63 -5.33 2.95
C LEU B 253 1.74 -3.82 2.84
N ARG B 254 2.89 -3.34 2.40
CA ARG B 254 3.12 -1.91 2.27
C ARG B 254 3.39 -1.50 0.84
N THR B 255 3.02 -0.27 0.52
CA THR B 255 3.25 0.29 -0.82
C THR B 255 4.01 1.61 -0.78
N TYR B 256 5.12 1.65 -1.50
CA TYR B 256 5.92 2.85 -1.59
C TYR B 256 5.49 3.45 -2.92
N ILE B 257 4.93 4.66 -2.91
CA ILE B 257 4.55 5.28 -4.18
C ILE B 257 5.79 5.94 -4.75
N MET B 258 6.21 5.45 -5.91
CA MET B 258 7.39 5.95 -6.58
C MET B 258 7.30 7.45 -6.88
N PRO B 259 8.25 8.24 -6.40
CA PRO B 259 8.24 9.69 -6.63
C PRO B 259 8.76 10.09 -8.02
N ALA B 260 8.30 11.24 -8.50
CA ALA B 260 8.68 11.76 -9.80
C ALA B 260 10.19 11.68 -9.99
N HIS B 261 10.91 12.21 -9.00
CA HIS B 261 12.35 12.25 -9.02
C HIS B 261 13.10 10.92 -9.25
N LEU B 262 12.47 9.80 -8.87
CA LEU B 262 13.09 8.48 -9.05
C LEU B 262 12.53 7.79 -10.28
N GLN B 263 11.71 8.54 -11.03
CA GLN B 263 11.10 8.05 -12.26
C GLN B 263 12.07 8.27 -13.41
N THR B 264 12.86 7.26 -13.71
CA THR B 264 13.82 7.35 -14.82
C THR B 264 13.35 6.46 -15.98
N GLY B 265 13.86 6.75 -17.17
CA GLY B 265 13.46 5.98 -18.32
C GLY B 265 13.82 4.51 -18.24
N VAL B 266 14.25 4.05 -17.07
CA VAL B 266 14.65 2.65 -16.89
C VAL B 266 13.47 1.67 -16.79
N ASP B 267 12.30 2.19 -16.42
CA ASP B 267 11.10 1.36 -16.29
C ASP B 267 9.89 2.27 -16.13
N ASP B 268 8.70 1.67 -16.15
CA ASP B 268 7.48 2.44 -15.97
C ASP B 268 6.87 2.16 -14.60
N VAL B 269 7.71 1.86 -13.61
CA VAL B 269 7.23 1.57 -12.25
C VAL B 269 6.44 2.75 -11.71
N LYS B 270 5.46 2.47 -10.86
CA LYS B 270 4.64 3.52 -10.26
C LYS B 270 4.72 3.41 -8.74
N GLY B 271 5.20 2.27 -8.28
CA GLY B 271 5.33 2.06 -6.85
C GLY B 271 5.99 0.74 -6.58
N VAL B 272 6.28 0.48 -5.32
CA VAL B 272 6.94 -0.77 -4.94
C VAL B 272 6.21 -1.36 -3.75
N PHE B 273 6.18 -2.69 -3.67
CA PHE B 273 5.51 -3.34 -2.55
C PHE B 273 6.38 -4.25 -1.70
N PHE B 274 6.12 -4.24 -0.39
CA PHE B 274 6.83 -5.09 0.53
C PHE B 274 5.75 -5.92 1.16
N ALA B 275 5.91 -7.24 1.10
CA ALA B 275 4.93 -8.12 1.68
C ALA B 275 5.60 -9.10 2.62
N TRP B 276 5.04 -9.22 3.82
CA TRP B 276 5.51 -10.17 4.82
C TRP B 276 4.36 -11.13 5.12
N ALA B 277 4.50 -12.37 4.66
CA ALA B 277 3.48 -13.40 4.85
C ALA B 277 4.06 -14.68 5.45
N GLN B 278 3.23 -15.40 6.18
CA GLN B 278 3.60 -16.63 6.85
C GLN B 278 2.81 -17.77 6.26
N LYS B 279 3.49 -18.85 5.92
CA LYS B 279 2.81 -20.01 5.37
C LYS B 279 2.02 -20.63 6.51
N VAL B 280 1.01 -21.43 6.19
CA VAL B 280 0.19 -22.04 7.24
C VAL B 280 0.30 -23.56 7.22
N SAH C . -15.25 13.37 2.50
CA SAH C . -15.76 14.11 1.33
CB SAH C . -15.13 15.48 1.08
CG SAH C . -13.63 15.54 1.18
SD SAH C . -13.19 17.23 0.74
C SAH C . -15.58 13.16 0.15
O SAH C . -15.08 12.02 0.43
OXT SAH C . -14.93 13.66 -0.86
C5' SAH C . -12.52 18.03 2.23
C4' SAH C . -13.63 18.59 3.13
O4' SAH C . -13.08 19.22 4.27
C3' SAH C . -14.45 19.66 2.46
O3' SAH C . -15.82 19.28 2.36
C2' SAH C . -14.28 20.87 3.36
O2' SAH C . -15.41 21.70 3.41
C1' SAH C . -13.98 20.25 4.67
N9 SAH C . -13.27 21.12 5.56
C8 SAH C . -12.57 22.31 5.26
N7 SAH C . -12.03 22.86 6.30
C5 SAH C . -12.37 21.99 7.34
C6 SAH C . -12.09 22.02 8.72
N6 SAH C . -11.37 22.99 9.29
N1 SAH C . -12.60 20.98 9.48
C2 SAH C . -13.34 19.98 8.93
N3 SAH C . -13.67 19.84 7.66
C4 SAH C . -13.14 20.91 6.92
C1 LY1 D . -8.53 13.16 -4.68
N1 LY1 D . -8.71 14.51 -5.29
C2 LY1 D . -9.12 15.54 -4.29
C3 LY1 D . -10.54 15.33 -3.79
C4 LY1 D . -10.71 14.03 -3.02
C4A LY1 D . -10.88 12.82 -3.89
C5 LY1 D . -12.08 12.15 -3.87
C6 LY1 D . -12.26 11.03 -4.66
C7 LY1 D . -11.23 10.56 -5.48
C8 LY1 D . -9.98 11.22 -5.52
C8A LY1 D . -9.82 12.37 -4.70
CL1 LY1 D . -11.56 9.37 -6.29
CL2 LY1 D . -8.81 10.75 -6.36
N SAH E . 16.38 -9.78 -7.10
CA SAH E . 17.29 -8.82 -7.76
CB SAH E . 17.02 -8.62 -9.25
CG SAH E . 15.57 -8.77 -9.70
SD SAH E . 15.58 -8.83 -11.52
C SAH E . 17.12 -7.51 -6.98
O SAH E . 16.29 -7.52 -6.01
OXT SAH E . 16.91 -6.44 -7.71
C5' SAH E . 14.72 -10.33 -12.01
C4' SAH E . 15.63 -11.55 -11.92
O4' SAH E . 14.88 -12.66 -12.30
C3' SAH E . 16.81 -11.56 -12.87
O3' SAH E . 18.06 -11.63 -12.19
C2' SAH E . 16.58 -12.80 -13.71
O2' SAH E . 17.76 -13.47 -14.11
C1' SAH E . 15.79 -13.64 -12.78
N9 SAH E . 15.00 -14.65 -13.46
C8 SAH E . 14.62 -14.71 -14.82
N7 SAH E . 13.91 -15.75 -15.13
C5 SAH E . 13.79 -16.43 -13.90
C6 SAH E . 13.14 -17.64 -13.54
N6 SAH E . 12.48 -18.38 -14.42
N1 SAH E . 13.24 -17.99 -12.21
C2 SAH E . 13.92 -17.27 -11.29
N3 SAH E . 14.55 -16.14 -11.49
C4 SAH E . 14.45 -15.76 -12.86
C1 LY1 F . 11.83 -1.63 -10.37
N1 LY1 F . 12.37 -1.61 -11.78
C2 LY1 F . 12.71 -2.98 -12.25
C3 LY1 F . 13.96 -3.51 -11.58
C4 LY1 F . 13.78 -3.76 -10.08
C4A LY1 F . 13.88 -2.53 -9.22
C5 LY1 F . 14.90 -2.42 -8.30
C6 LY1 F . 15.00 -1.31 -7.51
C7 LY1 F . 14.09 -0.27 -7.59
C8 LY1 F . 13.03 -0.35 -8.53
C8A LY1 F . 12.94 -1.49 -9.34
CL1 LY1 F . 14.30 0.88 -6.68
CL2 LY1 F . 12.00 0.72 -8.67
#